data_9S1O
#
_entry.id   9S1O
#
_cell.length_a   149.345
_cell.length_b   149.345
_cell.length_c   53.965
_cell.angle_alpha   90
_cell.angle_beta   90
_cell.angle_gamma   120
#
_symmetry.space_group_name_H-M   'P 6 2 2'
#
loop_
_entity.id
_entity.type
_entity.pdbx_description
1 polymer '5-hydroxymethyl-dUMP N-hydrolase'
2 non-polymer 'CHLORIDE ION'
3 non-polymer '2-[[2-[(1~{R},5~{S})-7-phenyl-3,7-diazabicyclo[3.3.1]nonan-3-yl]-1,3-thiazol-4-yl]methyl]-3,4-dihydro-1~{H}-isoquinoline-7-carboxylic acid'
4 water water
#
_entity_poly.entity_id   1
_entity_poly.type   'polypeptide(L)'
_entity_poly.pdbx_seq_one_letter_code
;MRPALYFCGSIRGGREDRTLYERIVSRLRRFGTVLTEHVAAAELGARGEEAAGGDRLIHEQDLEWLQQADVVVAEVTQPS
LGVGYELGRAVAFNKRILCLFRPQSGRVLSAMIRGAADGSRFQVWDYEEGEVEALLDRYFEADPLEENLYFQ
;
_entity_poly.pdbx_strand_id   A,B
#
# COMPACT_ATOMS: atom_id res chain seq x y z
N MET A 1 10.62 26.13 -14.28
CA MET A 1 9.70 25.30 -13.54
C MET A 1 10.42 24.46 -12.47
N ARG A 2 9.90 24.51 -11.24
CA ARG A 2 10.51 23.78 -10.14
C ARG A 2 10.04 22.32 -10.19
N PRO A 3 10.95 21.37 -9.85
CA PRO A 3 10.53 19.96 -9.73
C PRO A 3 9.42 19.83 -8.66
N ALA A 4 8.42 18.99 -8.93
CA ALA A 4 7.30 18.81 -8.01
C ALA A 4 7.60 17.55 -7.14
N LEU A 5 7.64 17.69 -5.82
CA LEU A 5 8.01 16.60 -4.92
C LEU A 5 6.86 16.20 -4.06
N TYR A 6 6.54 14.91 -4.03
CA TYR A 6 5.44 14.41 -3.26
C TYR A 6 6.02 13.57 -2.11
N PHE A 7 5.75 13.95 -0.88
CA PHE A 7 6.22 13.20 0.28
C PHE A 7 5.06 12.38 0.79
N CYS A 8 5.33 11.13 1.21
CA CYS A 8 4.31 10.38 1.92
C CYS A 8 4.87 9.60 3.09
N GLY A 9 4.06 9.58 4.13
CA GLY A 9 4.34 8.87 5.37
C GLY A 9 3.03 8.50 6.02
N SER A 10 3.13 7.66 7.04
CA SER A 10 1.98 7.14 7.74
C SER A 10 1.28 8.20 8.60
N ILE A 11 -0.04 8.20 8.56
CA ILE A 11 -0.85 9.06 9.40
C ILE A 11 -0.76 8.56 10.86
N ARG A 12 -0.50 7.26 11.08
CA ARG A 12 -0.36 6.64 12.38
C ARG A 12 1.07 6.69 12.94
N GLY A 13 1.99 7.38 12.28
CA GLY A 13 3.36 7.49 12.75
C GLY A 13 3.47 8.09 14.13
N GLY A 14 4.42 7.60 14.92
CA GLY A 14 4.62 8.10 16.27
C GLY A 14 5.45 9.36 16.35
N ARG A 15 5.88 9.74 17.56
CA ARG A 15 6.70 10.94 17.76
C ARG A 15 8.05 10.88 17.01
N GLU A 16 8.75 9.72 17.08
CA GLU A 16 10.05 9.53 16.40
C GLU A 16 9.86 9.63 14.90
N ASP A 17 8.86 8.90 14.35
CA ASP A 17 8.55 8.90 12.93
C ASP A 17 8.20 10.32 12.47
N ARG A 18 7.37 11.04 13.21
CA ARG A 18 6.97 12.40 12.84
C ARG A 18 8.12 13.42 12.88
N THR A 19 9.15 13.21 13.74
CA THR A 19 10.31 14.13 13.73
C THR A 19 11.11 13.91 12.46
N LEU A 20 11.24 12.65 12.03
CA LEU A 20 11.93 12.30 10.79
C LEU A 20 11.16 12.78 9.56
N TYR A 21 9.82 12.77 9.60
CA TYR A 21 8.99 13.24 8.47
C TYR A 21 9.24 14.73 8.26
N GLU A 22 9.25 15.53 9.35
CA GLU A 22 9.52 16.96 9.27
C GLU A 22 10.93 17.24 8.75
N ARG A 23 11.91 16.43 9.17
CA ARG A 23 13.29 16.54 8.69
C ARG A 23 13.42 16.20 7.19
N ILE A 24 12.68 15.17 6.71
CA ILE A 24 12.69 14.84 5.29
C ILE A 24 12.03 15.95 4.49
N VAL A 25 10.84 16.40 4.90
CA VAL A 25 10.09 17.47 4.22
C VAL A 25 10.86 18.78 4.17
N SER A 26 11.55 19.15 5.29
CA SER A 26 12.38 20.37 5.33
C SER A 26 13.48 20.30 4.29
N ARG A 27 14.16 19.17 4.20
CA ARG A 27 15.25 19.01 3.26
C ARG A 27 14.74 18.98 1.81
N LEU A 28 13.56 18.39 1.58
CA LEU A 28 12.98 18.30 0.23
C LEU A 28 12.73 19.69 -0.36
N ARG A 29 12.34 20.69 0.46
CA ARG A 29 12.10 22.09 0.06
C ARG A 29 13.28 22.75 -0.63
N ARG A 30 14.50 22.26 -0.37
CA ARG A 30 15.69 22.78 -1.01
C ARG A 30 15.81 22.35 -2.47
N PHE A 31 15.18 21.23 -2.85
CA PHE A 31 15.35 20.67 -4.19
C PHE A 31 14.18 20.88 -5.14
N GLY A 32 13.05 21.31 -4.61
CA GLY A 32 11.88 21.56 -5.43
C GLY A 32 10.70 21.99 -4.58
N THR A 33 9.51 21.98 -5.18
CA THR A 33 8.29 22.36 -4.48
C THR A 33 7.60 21.14 -3.91
N VAL A 34 7.35 21.14 -2.60
CA VAL A 34 6.64 20.04 -1.97
C VAL A 34 5.18 20.33 -2.18
N LEU A 35 4.52 19.47 -2.97
CA LEU A 35 3.13 19.62 -3.37
C LEU A 35 2.12 19.82 -2.24
N THR A 36 2.34 19.18 -1.08
CA THR A 36 1.42 19.38 0.05
C THR A 36 1.64 20.77 0.73
N GLU A 37 2.77 21.44 0.47
CA GLU A 37 3.01 22.80 0.97
C GLU A 37 2.80 23.89 -0.10
N GLY A 54 -15.67 13.37 2.51
CA GLY A 54 -14.92 12.93 3.69
C GLY A 54 -13.65 12.21 3.30
N ASP A 55 -13.60 10.89 3.49
CA ASP A 55 -12.42 10.11 3.10
C ASP A 55 -12.23 10.10 1.57
N ARG A 56 -13.34 10.21 0.81
CA ARG A 56 -13.31 10.31 -0.64
C ARG A 56 -12.55 11.57 -1.08
N LEU A 57 -12.75 12.71 -0.39
CA LEU A 57 -12.09 13.97 -0.76
C LEU A 57 -10.58 13.87 -0.56
N ILE A 58 -10.16 13.27 0.56
CA ILE A 58 -8.76 13.03 0.89
C ILE A 58 -8.15 12.13 -0.19
N HIS A 59 -8.84 11.04 -0.55
CA HIS A 59 -8.36 10.14 -1.60
C HIS A 59 -8.22 10.87 -2.94
N GLU A 60 -9.25 11.62 -3.38
CA GLU A 60 -9.17 12.33 -4.66
C GLU A 60 -8.09 13.39 -4.70
N GLN A 61 -7.93 14.20 -3.65
CA GLN A 61 -6.92 15.27 -3.67
C GLN A 61 -5.51 14.71 -3.54
N ASP A 62 -5.35 13.63 -2.76
CA ASP A 62 -4.06 12.98 -2.61
C ASP A 62 -3.60 12.43 -3.97
N LEU A 63 -4.53 11.82 -4.74
CA LEU A 63 -4.23 11.27 -6.07
C LEU A 63 -3.89 12.38 -7.09
N GLU A 64 -4.51 13.55 -6.93
CA GLU A 64 -4.23 14.67 -7.81
C GLU A 64 -2.82 15.23 -7.53
N TRP A 65 -2.42 15.36 -6.25
CA TRP A 65 -1.06 15.78 -5.91
C TRP A 65 -0.06 14.74 -6.48
N LEU A 66 -0.34 13.45 -6.29
CA LEU A 66 0.54 12.38 -6.70
C LEU A 66 0.75 12.34 -8.21
N GLN A 67 -0.33 12.55 -8.98
CA GLN A 67 -0.29 12.57 -10.44
C GLN A 67 0.58 13.73 -10.97
N GLN A 68 0.62 14.83 -10.23
CA GLN A 68 1.41 16.00 -10.59
C GLN A 68 2.88 15.94 -10.11
N ALA A 69 3.29 14.88 -9.38
CA ALA A 69 4.68 14.79 -8.90
C ALA A 69 5.66 14.38 -9.99
N ASP A 70 6.89 14.85 -9.87
CA ASP A 70 7.98 14.36 -10.68
C ASP A 70 8.61 13.21 -9.84
N VAL A 71 8.78 13.41 -8.51
CA VAL A 71 9.42 12.41 -7.65
C VAL A 71 8.56 12.18 -6.44
N VAL A 72 8.41 10.92 -6.02
CA VAL A 72 7.66 10.57 -4.84
C VAL A 72 8.68 10.09 -3.79
N VAL A 73 8.68 10.66 -2.56
CA VAL A 73 9.58 10.20 -1.51
C VAL A 73 8.73 9.66 -0.40
N ALA A 74 8.88 8.36 -0.09
CA ALA A 74 8.01 7.73 0.88
C ALA A 74 8.85 7.23 2.05
N GLU A 75 8.38 7.47 3.30
CA GLU A 75 9.09 6.93 4.46
C GLU A 75 8.22 5.72 4.78
N VAL A 76 8.76 4.52 4.57
CA VAL A 76 8.07 3.24 4.69
C VAL A 76 8.46 2.41 5.94
N THR A 77 8.98 3.06 6.97
CA THR A 77 9.34 2.35 8.22
C THR A 77 8.12 1.84 8.96
N GLN A 78 7.10 2.65 9.07
CA GLN A 78 5.86 2.26 9.72
C GLN A 78 4.88 1.61 8.75
N PRO A 79 4.36 0.40 9.05
CA PRO A 79 3.37 -0.24 8.17
C PRO A 79 2.15 0.64 7.93
N SER A 80 1.69 0.75 6.66
CA SER A 80 0.55 1.59 6.36
C SER A 80 -0.14 1.20 5.05
N LEU A 81 -1.46 0.98 5.09
CA LEU A 81 -2.22 0.69 3.87
C LEU A 81 -2.24 1.94 2.98
N GLY A 82 -2.37 3.13 3.58
CA GLY A 82 -2.39 4.37 2.83
C GLY A 82 -1.09 4.61 2.06
N VAL A 83 0.09 4.46 2.72
CA VAL A 83 1.39 4.69 2.06
C VAL A 83 1.60 3.62 0.97
N GLY A 84 1.27 2.37 1.29
CA GLY A 84 1.40 1.28 0.32
C GLY A 84 0.55 1.55 -0.93
N TYR A 85 -0.67 2.02 -0.71
CA TYR A 85 -1.65 2.38 -1.74
C TYR A 85 -1.09 3.51 -2.63
N GLU A 86 -0.54 4.54 -2.02
CA GLU A 86 0.12 5.65 -2.73
C GLU A 86 1.29 5.18 -3.57
N LEU A 87 2.07 4.22 -3.08
CA LEU A 87 3.21 3.65 -3.80
C LEU A 87 2.71 2.84 -5.00
N GLY A 88 1.63 2.08 -4.83
CA GLY A 88 1.05 1.29 -5.92
C GLY A 88 0.50 2.18 -7.01
N ARG A 89 -0.23 3.23 -6.61
CA ARG A 89 -0.74 4.21 -7.59
C ARG A 89 0.43 4.96 -8.29
N ALA A 90 1.48 5.29 -7.54
CA ALA A 90 2.66 6.00 -8.05
C ALA A 90 3.40 5.18 -9.12
N VAL A 91 3.58 3.87 -8.89
CA VAL A 91 4.20 2.96 -9.86
C VAL A 91 3.37 2.95 -11.16
N ALA A 92 2.04 2.78 -11.06
CA ALA A 92 1.18 2.77 -12.23
C ALA A 92 1.13 4.14 -12.91
N PHE A 93 1.41 5.25 -12.18
CA PHE A 93 1.52 6.58 -12.78
C PHE A 93 2.95 6.82 -13.36
N ASN A 94 3.82 5.81 -13.38
CA ASN A 94 5.17 5.93 -13.93
C ASN A 94 6.05 6.96 -13.18
N LYS A 95 5.83 7.13 -11.86
CA LYS A 95 6.63 8.08 -11.09
C LYS A 95 7.97 7.55 -10.68
N ARG A 96 8.94 8.46 -10.51
CA ARG A 96 10.23 8.12 -9.93
C ARG A 96 9.99 8.13 -8.43
N ILE A 97 10.43 7.06 -7.75
CA ILE A 97 10.11 6.87 -6.35
C ILE A 97 11.37 6.53 -5.54
N LEU A 98 11.50 7.18 -4.37
CA LEU A 98 12.56 6.86 -3.40
C LEU A 98 11.85 6.48 -2.10
N CYS A 99 12.08 5.28 -1.58
CA CYS A 99 11.54 4.81 -0.31
C CYS A 99 12.69 4.84 0.68
N LEU A 100 12.42 5.35 1.89
CA LEU A 100 13.39 5.49 2.99
C LEU A 100 12.93 4.57 4.12
N PHE A 101 13.78 3.61 4.49
CA PHE A 101 13.42 2.64 5.51
C PHE A 101 14.48 2.62 6.67
N ARG A 102 14.05 2.60 7.93
CA ARG A 102 14.97 2.54 9.08
C ARG A 102 15.04 1.13 9.62
N PRO A 103 16.09 0.35 9.31
CA PRO A 103 16.18 -0.99 9.91
C PRO A 103 16.33 -0.95 11.45
N GLN A 104 16.82 0.19 12.03
CA GLN A 104 16.94 0.33 13.50
C GLN A 104 15.59 0.19 14.22
N SER A 105 14.45 0.32 13.48
CA SER A 105 13.12 0.19 14.08
C SER A 105 12.76 -1.25 14.51
N GLY A 106 13.57 -2.23 14.11
CA GLY A 106 13.33 -3.63 14.41
C GLY A 106 12.38 -4.34 13.44
N ARG A 107 11.88 -3.62 12.41
CA ARG A 107 10.94 -4.20 11.47
C ARG A 107 11.64 -4.75 10.23
N VAL A 108 10.96 -5.65 9.51
CA VAL A 108 11.43 -6.13 8.22
C VAL A 108 10.49 -5.41 7.20
N LEU A 109 11.03 -4.77 6.19
CA LEU A 109 10.22 -4.08 5.18
C LEU A 109 9.47 -5.09 4.32
N SER A 110 8.15 -4.87 4.09
CA SER A 110 7.34 -5.72 3.21
C SER A 110 8.07 -6.13 1.94
N ALA A 111 7.98 -7.43 1.59
CA ALA A 111 8.55 -7.96 0.34
C ALA A 111 7.98 -7.26 -0.89
N MET A 112 6.77 -6.71 -0.80
CA MET A 112 6.18 -5.98 -1.92
C MET A 112 6.88 -4.67 -2.19
N ILE A 113 7.40 -4.00 -1.15
CA ILE A 113 8.07 -2.70 -1.33
C ILE A 113 9.51 -2.93 -1.69
N ARG A 114 10.18 -3.80 -0.93
CA ARG A 114 11.52 -4.20 -1.22
C ARG A 114 11.61 -4.87 -2.64
N GLY A 115 10.62 -5.68 -3.01
CA GLY A 115 10.60 -6.33 -4.32
C GLY A 115 10.19 -5.45 -5.50
N ALA A 116 9.62 -4.28 -5.23
CA ALA A 116 9.27 -3.31 -6.29
C ALA A 116 10.52 -2.54 -6.76
N ALA A 117 11.61 -2.52 -5.95
CA ALA A 117 12.81 -1.79 -6.31
C ALA A 117 13.45 -2.36 -7.55
N ASP A 118 13.95 -1.47 -8.39
CA ASP A 118 14.66 -1.83 -9.59
C ASP A 118 16.03 -1.11 -9.68
N GLY A 119 16.48 -0.43 -8.60
CA GLY A 119 17.74 0.30 -8.57
C GLY A 119 17.78 1.59 -9.37
N SER A 120 16.64 2.01 -9.95
CA SER A 120 16.63 3.23 -10.75
C SER A 120 15.39 4.09 -10.45
N ARG A 121 14.25 3.87 -11.13
CA ARG A 121 13.04 4.66 -10.90
C ARG A 121 12.24 4.22 -9.68
N PHE A 122 12.65 3.11 -9.02
CA PHE A 122 12.08 2.69 -7.75
C PHE A 122 13.26 2.21 -6.93
N GLN A 123 13.64 3.00 -5.92
CA GLN A 123 14.73 2.63 -5.03
C GLN A 123 14.27 2.61 -3.59
N VAL A 124 14.83 1.70 -2.83
CA VAL A 124 14.55 1.56 -1.41
C VAL A 124 15.92 1.68 -0.73
N TRP A 125 16.09 2.75 0.06
CA TRP A 125 17.33 3.03 0.75
C TRP A 125 17.18 2.84 2.25
N ASP A 126 17.98 1.93 2.81
CA ASP A 126 17.99 1.75 4.27
C ASP A 126 18.78 2.91 4.88
N TYR A 127 18.34 3.42 6.03
CA TYR A 127 19.05 4.55 6.64
C TYR A 127 19.01 4.55 8.16
N GLU A 128 19.98 5.25 8.75
CA GLU A 128 20.04 5.49 10.18
C GLU A 128 19.56 6.93 10.38
N GLU A 129 18.77 7.19 11.41
CA GLU A 129 18.25 8.52 11.75
C GLU A 129 19.17 9.73 11.39
N GLY A 130 20.47 9.62 11.72
CA GLY A 130 21.45 10.69 11.54
C GLY A 130 21.83 11.11 10.13
N GLU A 131 21.80 10.17 9.17
CA GLU A 131 22.24 10.46 7.80
C GLU A 131 21.12 10.83 6.80
N VAL A 132 19.89 11.07 7.25
CA VAL A 132 18.76 11.28 6.32
C VAL A 132 18.95 12.52 5.41
N GLU A 133 19.45 13.65 5.94
CA GLU A 133 19.72 14.87 5.16
C GLU A 133 20.82 14.60 4.14
N ALA A 134 21.88 13.86 4.56
CA ALA A 134 22.99 13.54 3.65
C ALA A 134 22.56 12.59 2.53
N LEU A 135 21.65 11.64 2.82
CA LEU A 135 21.17 10.71 1.79
C LEU A 135 20.24 11.49 0.81
N LEU A 136 19.39 12.40 1.33
CA LEU A 136 18.53 13.24 0.48
C LEU A 136 19.36 14.20 -0.41
N ASP A 137 20.46 14.80 0.12
CA ASP A 137 21.36 15.66 -0.67
C ASP A 137 21.96 14.86 -1.79
N ARG A 138 22.39 13.63 -1.51
CA ARG A 138 22.98 12.74 -2.50
C ARG A 138 21.98 12.32 -3.60
N TYR A 139 20.76 11.90 -3.20
CA TYR A 139 19.75 11.48 -4.18
C TYR A 139 19.38 12.64 -5.10
N PHE A 140 19.18 13.84 -4.54
CA PHE A 140 18.77 14.97 -5.33
C PHE A 140 19.92 15.83 -5.88
N GLU A 141 21.11 15.22 -6.15
CA GLU A 141 22.21 15.97 -6.78
C GLU A 141 23.04 15.07 -7.71
N PRO B 3 -14.42 -17.26 -13.08
CA PRO B 3 -13.89 -16.05 -12.44
C PRO B 3 -12.61 -16.30 -11.63
N ALA B 4 -11.49 -15.72 -12.09
CA ALA B 4 -10.20 -15.83 -11.42
C ALA B 4 -10.21 -14.87 -10.24
N LEU B 5 -9.98 -15.38 -9.05
CA LEU B 5 -10.06 -14.60 -7.82
C LEU B 5 -8.68 -14.43 -7.20
N TYR B 6 -8.39 -13.23 -6.72
CA TYR B 6 -7.11 -12.95 -6.08
C TYR B 6 -7.40 -12.57 -4.63
N PHE B 7 -6.72 -13.19 -3.67
CA PHE B 7 -6.89 -12.84 -2.26
C PHE B 7 -5.59 -12.20 -1.73
N CYS B 8 -5.70 -11.20 -0.87
CA CYS B 8 -4.54 -10.66 -0.17
C CYS B 8 -4.86 -10.31 1.23
N GLY B 9 -3.88 -10.52 2.09
CA GLY B 9 -3.90 -10.22 3.50
C GLY B 9 -2.49 -9.90 3.97
N SER B 10 -2.40 -9.32 5.15
CA SER B 10 -1.13 -8.92 5.72
C SER B 10 -0.28 -10.15 6.02
N ILE B 11 1.01 -10.09 5.71
CA ILE B 11 1.94 -11.16 6.05
C ILE B 11 2.24 -11.16 7.58
N ARG B 12 1.92 -10.06 8.31
CA ARG B 12 2.17 -9.93 9.72
C ARG B 12 0.89 -10.13 10.55
N ARG B 15 -2.40 -14.15 13.82
CA ARG B 15 -2.99 -15.12 14.75
C ARG B 15 -4.51 -15.23 14.51
N GLU B 16 -5.32 -14.34 15.09
CA GLU B 16 -6.75 -14.31 14.83
C GLU B 16 -7.02 -13.88 13.36
N ASP B 17 -6.12 -13.04 12.79
CA ASP B 17 -6.19 -12.62 11.39
C ASP B 17 -5.77 -13.80 10.51
N ARG B 18 -4.76 -14.59 10.91
CA ARG B 18 -4.26 -15.69 10.09
C ARG B 18 -5.28 -16.82 9.85
N THR B 19 -6.10 -17.15 10.86
CA THR B 19 -7.12 -18.19 10.74
C THR B 19 -8.32 -17.69 9.87
N LEU B 20 -8.61 -16.38 9.95
CA LEU B 20 -9.63 -15.71 9.16
C LEU B 20 -9.26 -15.76 7.67
N TYR B 21 -7.95 -15.52 7.33
CA TYR B 21 -7.48 -15.57 5.92
C TYR B 21 -7.77 -16.93 5.32
N GLU B 22 -7.59 -18.00 6.11
CA GLU B 22 -7.83 -19.37 5.63
C GLU B 22 -9.33 -19.61 5.36
N ARG B 23 -10.20 -19.12 6.24
CA ARG B 23 -11.66 -19.23 6.06
C ARG B 23 -12.12 -18.44 4.83
N ILE B 24 -11.53 -17.23 4.64
CA ILE B 24 -11.87 -16.38 3.48
C ILE B 24 -11.50 -17.09 2.20
N VAL B 25 -10.27 -17.63 2.13
CA VAL B 25 -9.84 -18.34 0.93
C VAL B 25 -10.70 -19.58 0.67
N SER B 26 -11.00 -20.38 1.73
CA SER B 26 -11.86 -21.57 1.57
C SER B 26 -13.22 -21.17 1.01
N ARG B 27 -13.82 -20.09 1.53
CA ARG B 27 -15.10 -19.62 1.02
C ARG B 27 -15.05 -19.11 -0.42
N LEU B 28 -13.94 -18.45 -0.81
CA LEU B 28 -13.77 -17.96 -2.19
C LEU B 28 -13.64 -19.10 -3.20
N ARG B 29 -13.09 -20.25 -2.78
CA ARG B 29 -12.93 -21.42 -3.67
C ARG B 29 -14.30 -21.89 -4.24
N ARG B 30 -15.39 -21.68 -3.48
CA ARG B 30 -16.73 -22.03 -3.91
C ARG B 30 -17.22 -21.20 -5.11
N PHE B 31 -16.59 -20.03 -5.38
CA PHE B 31 -17.01 -19.14 -6.47
C PHE B 31 -16.05 -19.08 -7.66
N GLY B 32 -14.84 -19.59 -7.50
CA GLY B 32 -13.87 -19.58 -8.59
C GLY B 32 -12.48 -20.04 -8.21
N THR B 33 -11.57 -19.98 -9.18
CA THR B 33 -10.19 -20.37 -8.97
C THR B 33 -9.48 -19.27 -8.16
N VAL B 34 -8.86 -19.64 -7.03
CA VAL B 34 -8.13 -18.68 -6.22
C VAL B 34 -6.69 -18.69 -6.74
N LEU B 35 -6.35 -17.72 -7.59
CA LEU B 35 -5.02 -17.61 -8.19
C LEU B 35 -3.84 -17.61 -7.20
N THR B 36 -4.02 -16.94 -6.06
CA THR B 36 -3.00 -16.76 -5.04
C THR B 36 -2.64 -18.03 -4.24
N GLU B 37 -3.24 -19.17 -4.57
CA GLU B 37 -2.85 -20.43 -3.92
C GLU B 37 -2.05 -21.35 -4.87
N HIS B 38 -1.77 -20.89 -6.12
CA HIS B 38 -1.02 -21.64 -7.12
C HIS B 38 0.27 -20.88 -7.48
N VAL B 39 1.39 -21.58 -7.57
CA VAL B 39 2.68 -20.98 -7.89
C VAL B 39 2.77 -20.48 -9.35
N ALA B 52 17.19 -11.74 -10.43
CA ALA B 52 16.16 -11.32 -9.46
C ALA B 52 16.25 -12.07 -8.12
N GLY B 53 16.36 -11.31 -7.03
CA GLY B 53 16.37 -11.83 -5.66
C GLY B 53 15.00 -12.21 -5.14
N GLY B 54 14.95 -12.69 -3.91
CA GLY B 54 13.74 -13.19 -3.27
C GLY B 54 12.55 -12.24 -3.18
N ASP B 55 12.80 -11.00 -2.75
CA ASP B 55 11.74 -10.00 -2.66
C ASP B 55 11.14 -9.73 -4.06
N ARG B 56 11.99 -9.60 -5.07
CA ARG B 56 11.60 -9.35 -6.44
C ARG B 56 10.79 -10.55 -6.99
N LEU B 57 11.13 -11.79 -6.58
CA LEU B 57 10.39 -12.98 -6.95
C LEU B 57 8.99 -12.94 -6.39
N ILE B 58 8.84 -12.51 -5.11
CA ILE B 58 7.55 -12.40 -4.46
C ILE B 58 6.74 -11.29 -5.17
N HIS B 59 7.38 -10.16 -5.43
CA HIS B 59 6.70 -9.04 -6.12
C HIS B 59 6.17 -9.46 -7.49
N GLU B 60 7.01 -10.05 -8.34
CA GLU B 60 6.67 -10.47 -9.69
C GLU B 60 5.63 -11.55 -9.75
N GLN B 61 5.68 -12.54 -8.86
CA GLN B 61 4.67 -13.58 -8.82
C GLN B 61 3.31 -12.94 -8.39
N ASP B 62 3.35 -12.04 -7.39
CA ASP B 62 2.14 -11.41 -6.89
C ASP B 62 1.49 -10.53 -7.98
N LEU B 63 2.30 -9.86 -8.80
CA LEU B 63 1.77 -9.02 -9.89
C LEU B 63 1.15 -9.86 -11.03
N GLU B 64 1.71 -11.04 -11.27
CA GLU B 64 1.22 -11.99 -12.26
C GLU B 64 -0.18 -12.45 -11.82
N TRP B 65 -0.34 -12.87 -10.55
CA TRP B 65 -1.64 -13.24 -9.99
C TRP B 65 -2.64 -12.07 -10.09
N LEU B 66 -2.21 -10.87 -9.67
CA LEU B 66 -3.05 -9.68 -9.69
C LEU B 66 -3.58 -9.34 -11.08
N GLN B 67 -2.72 -9.34 -12.10
CA GLN B 67 -3.12 -9.03 -13.47
C GLN B 67 -4.07 -10.05 -14.07
N GLN B 68 -3.95 -11.30 -13.65
CA GLN B 68 -4.82 -12.36 -14.17
C GLN B 68 -6.19 -12.38 -13.46
N ALA B 69 -6.37 -11.64 -12.36
CA ALA B 69 -7.60 -11.69 -11.60
C ALA B 69 -8.78 -10.90 -12.16
N ASP B 70 -9.99 -11.42 -11.93
CA ASP B 70 -11.26 -10.75 -12.27
C ASP B 70 -11.75 -9.99 -11.02
N VAL B 71 -11.57 -10.57 -9.83
CA VAL B 71 -11.98 -9.95 -8.57
C VAL B 71 -10.82 -10.02 -7.58
N VAL B 72 -10.59 -8.91 -6.85
CA VAL B 72 -9.58 -8.80 -5.83
C VAL B 72 -10.31 -8.70 -4.51
N VAL B 73 -9.99 -9.57 -3.56
CA VAL B 73 -10.55 -9.52 -2.21
C VAL B 73 -9.36 -9.24 -1.30
N ALA B 74 -9.44 -8.19 -0.47
CA ALA B 74 -8.35 -7.84 0.42
C ALA B 74 -8.82 -7.78 1.86
N GLU B 75 -8.09 -8.41 2.79
CA GLU B 75 -8.41 -8.26 4.21
C GLU B 75 -7.51 -7.06 4.63
N VAL B 76 -8.14 -5.95 5.01
CA VAL B 76 -7.45 -4.71 5.30
C VAL B 76 -7.49 -4.30 6.77
N THR B 77 -7.70 -5.27 7.69
CA THR B 77 -7.75 -4.94 9.13
C THR B 77 -6.35 -4.56 9.65
N GLN B 78 -5.34 -5.36 9.32
CA GLN B 78 -3.98 -5.07 9.76
C GLN B 78 -3.29 -4.10 8.77
N PRO B 79 -2.73 -2.99 9.30
CA PRO B 79 -2.00 -2.05 8.42
C PRO B 79 -0.84 -2.75 7.73
N SER B 80 -0.75 -2.61 6.41
CA SER B 80 0.24 -3.31 5.63
C SER B 80 0.60 -2.50 4.40
N LEU B 81 1.90 -2.27 4.18
CA LEU B 81 2.39 -1.60 2.99
C LEU B 81 2.16 -2.50 1.76
N GLY B 82 2.35 -3.81 1.92
CA GLY B 82 2.17 -4.80 0.86
C GLY B 82 0.73 -4.90 0.35
N VAL B 83 -0.25 -4.96 1.30
CA VAL B 83 -1.67 -5.01 0.93
C VAL B 83 -2.11 -3.71 0.29
N GLY B 84 -1.66 -2.59 0.84
CA GLY B 84 -1.99 -1.28 0.27
C GLY B 84 -1.45 -1.16 -1.14
N TYR B 85 -0.22 -1.65 -1.36
CA TYR B 85 0.45 -1.59 -2.64
C TYR B 85 -0.32 -2.39 -3.68
N GLU B 86 -0.74 -3.60 -3.31
CA GLU B 86 -1.53 -4.49 -4.18
C GLU B 86 -2.84 -3.82 -4.54
N LEU B 87 -3.49 -3.14 -3.57
CA LEU B 87 -4.73 -2.42 -3.82
C LEU B 87 -4.50 -1.23 -4.82
N GLY B 88 -3.38 -0.52 -4.68
CA GLY B 88 -2.97 0.58 -5.57
C GLY B 88 -2.78 0.07 -6.99
N ARG B 89 -2.02 -1.02 -7.14
CA ARG B 89 -1.81 -1.67 -8.42
C ARG B 89 -3.14 -2.22 -9.02
N ALA B 90 -4.00 -2.80 -8.19
CA ALA B 90 -5.31 -3.35 -8.59
C ALA B 90 -6.23 -2.24 -9.12
N VAL B 91 -6.28 -1.07 -8.45
CA VAL B 91 -7.09 0.06 -8.91
C VAL B 91 -6.62 0.52 -10.26
N ALA B 92 -5.31 0.67 -10.43
CA ALA B 92 -4.76 1.13 -11.70
C ALA B 92 -5.03 0.13 -12.83
N PHE B 93 -5.10 -1.18 -12.51
CA PHE B 93 -5.43 -2.21 -13.52
C PHE B 93 -6.95 -2.28 -13.78
N ASN B 94 -7.77 -1.43 -13.10
CA ASN B 94 -9.22 -1.36 -13.17
C ASN B 94 -9.89 -2.63 -12.67
N LYS B 95 -9.34 -3.24 -11.61
CA LYS B 95 -9.92 -4.47 -11.07
C LYS B 95 -11.12 -4.23 -10.22
N ARG B 96 -12.04 -5.21 -10.21
CA ARG B 96 -13.16 -5.17 -9.27
C ARG B 96 -12.56 -5.54 -7.90
N ILE B 97 -12.81 -4.73 -6.88
CA ILE B 97 -12.22 -4.90 -5.55
C ILE B 97 -13.23 -4.93 -4.41
N LEU B 98 -13.01 -5.85 -3.50
CA LEU B 98 -13.78 -5.95 -2.26
C LEU B 98 -12.79 -5.91 -1.09
N CYS B 99 -12.88 -4.91 -0.20
CA CYS B 99 -12.04 -4.85 0.99
C CYS B 99 -12.87 -5.26 2.20
N LEU B 100 -12.31 -6.10 3.05
CA LEU B 100 -12.96 -6.58 4.27
C LEU B 100 -12.22 -6.04 5.46
N PHE B 101 -12.91 -5.29 6.31
CA PHE B 101 -12.31 -4.71 7.50
C PHE B 101 -13.08 -5.16 8.75
N ARG B 102 -12.40 -5.43 9.86
CA ARG B 102 -13.06 -5.81 11.10
C ARG B 102 -13.01 -4.63 12.04
N PRO B 103 -14.12 -3.88 12.19
CA PRO B 103 -14.10 -2.75 13.14
C PRO B 103 -13.84 -3.17 14.58
N GLN B 104 -14.16 -4.43 14.96
CA GLN B 104 -13.92 -4.96 16.31
C GLN B 104 -12.47 -4.80 16.75
N SER B 105 -11.52 -4.80 15.79
CA SER B 105 -10.09 -4.63 16.04
C SER B 105 -9.74 -3.35 16.81
N GLY B 106 -10.65 -2.36 16.79
CA GLY B 106 -10.42 -1.07 17.42
C GLY B 106 -9.71 -0.07 16.52
N ARG B 107 -9.19 -0.53 15.36
CA ARG B 107 -8.47 0.32 14.44
C ARG B 107 -9.36 1.20 13.59
N VAL B 108 -8.82 2.32 13.11
CA VAL B 108 -9.51 3.18 12.17
C VAL B 108 -8.88 2.91 10.80
N LEU B 109 -9.66 2.34 9.88
CA LEU B 109 -9.17 2.01 8.54
C LEU B 109 -8.69 3.26 7.82
N SER B 110 -7.48 3.17 7.20
CA SER B 110 -6.89 4.25 6.40
C SER B 110 -7.87 4.96 5.49
N ALA B 111 -7.81 6.29 5.48
CA ALA B 111 -8.64 7.14 4.63
C ALA B 111 -8.40 6.89 3.15
N MET B 112 -7.20 6.40 2.77
CA MET B 112 -6.91 6.09 1.38
C MET B 112 -7.72 4.90 0.90
N ILE B 113 -8.00 3.94 1.77
CA ILE B 113 -8.76 2.74 1.41
C ILE B 113 -10.27 3.01 1.50
N ARG B 114 -10.68 3.63 2.60
CA ARG B 114 -12.08 4.00 2.79
C ARG B 114 -12.50 5.01 1.69
N GLY B 115 -11.61 5.93 1.35
CA GLY B 115 -11.85 6.94 0.32
C GLY B 115 -11.76 6.42 -1.11
N ALA B 116 -11.14 5.24 -1.31
CA ALA B 116 -11.05 4.65 -2.65
C ALA B 116 -12.37 4.03 -3.11
N ALA B 117 -13.26 3.70 -2.15
CA ALA B 117 -14.55 3.07 -2.41
C ALA B 117 -15.51 3.94 -3.22
N ASP B 118 -16.16 3.32 -4.19
CA ASP B 118 -17.19 4.00 -4.98
C ASP B 118 -18.58 3.27 -4.89
N GLY B 119 -18.68 2.27 -4.01
CA GLY B 119 -19.87 1.46 -3.83
C GLY B 119 -20.18 0.49 -4.95
N SER B 120 -19.29 0.39 -5.94
CA SER B 120 -19.51 -0.51 -7.07
C SER B 120 -18.22 -1.33 -7.41
N ARG B 121 -17.34 -0.82 -8.26
CA ARG B 121 -16.10 -1.48 -8.66
C ARG B 121 -15.08 -1.57 -7.49
N PHE B 122 -15.22 -0.72 -6.45
CA PHE B 122 -14.39 -0.75 -5.26
C PHE B 122 -15.32 -0.60 -4.06
N GLN B 123 -15.40 -1.62 -3.22
CA GLN B 123 -16.25 -1.59 -2.04
C GLN B 123 -15.48 -2.00 -0.80
N VAL B 124 -15.79 -1.37 0.33
CA VAL B 124 -15.16 -1.67 1.60
C VAL B 124 -16.32 -2.06 2.53
N TRP B 125 -16.25 -3.25 3.09
CA TRP B 125 -17.29 -3.79 3.96
C TRP B 125 -16.79 -4.10 5.34
N ASP B 126 -17.42 -3.47 6.33
CA ASP B 126 -17.11 -3.78 7.72
C ASP B 126 -17.80 -5.13 8.02
N TYR B 127 -17.10 -6.05 8.68
CA TYR B 127 -17.68 -7.36 8.99
C TYR B 127 -17.32 -7.84 10.38
N GLU B 128 -18.10 -8.80 10.88
CA GLU B 128 -17.80 -9.43 12.16
C GLU B 128 -17.19 -10.79 11.82
N GLU B 129 -16.13 -11.19 12.51
CA GLU B 129 -15.40 -12.44 12.27
C GLU B 129 -16.28 -13.66 11.95
N GLY B 130 -17.26 -13.96 12.81
CA GLY B 130 -18.17 -15.08 12.61
C GLY B 130 -19.01 -15.02 11.34
N GLU B 131 -19.35 -13.82 10.88
CA GLU B 131 -20.19 -13.65 9.70
C GLU B 131 -19.45 -13.45 8.37
N VAL B 132 -18.11 -13.66 8.30
CA VAL B 132 -17.37 -13.41 7.06
C VAL B 132 -17.88 -14.25 5.91
N GLU B 133 -18.19 -15.53 6.16
CA GLU B 133 -18.72 -16.44 5.14
C GLU B 133 -20.02 -15.94 4.51
N ALA B 134 -20.91 -15.38 5.34
CA ALA B 134 -22.18 -14.86 4.87
C ALA B 134 -21.96 -13.64 3.98
N LEU B 135 -21.02 -12.73 4.36
CA LEU B 135 -20.71 -11.56 3.53
C LEU B 135 -20.18 -11.94 2.16
N LEU B 136 -19.33 -12.98 2.07
CA LEU B 136 -18.82 -13.42 0.79
C LEU B 136 -19.94 -13.99 -0.08
N ASP B 137 -20.92 -14.69 0.52
CA ASP B 137 -22.08 -15.22 -0.23
C ASP B 137 -22.91 -14.05 -0.77
N ARG B 138 -23.18 -13.04 0.08
CA ARG B 138 -23.95 -11.87 -0.32
C ARG B 138 -23.31 -11.13 -1.47
N TYR B 139 -21.96 -11.10 -1.54
CA TYR B 139 -21.20 -10.43 -2.60
C TYR B 139 -21.13 -11.25 -3.90
N PHE B 140 -20.85 -12.57 -3.79
CA PHE B 140 -20.70 -13.40 -4.98
C PHE B 140 -22.02 -14.03 -5.49
N GLU B 141 -23.18 -13.51 -5.05
CA GLU B 141 -24.48 -14.03 -5.50
C GLU B 141 -25.51 -12.92 -5.44
#